data_3PP1
#
_entry.id   3PP1
#
_cell.length_a   82.086
_cell.length_b   82.086
_cell.length_c   129.254
_cell.angle_alpha   90.00
_cell.angle_beta   90.00
_cell.angle_gamma   120.00
#
_symmetry.space_group_name_H-M   'P 62'
#
loop_
_entity.id
_entity.type
_entity.pdbx_description
1 polymer 'Dual specificity mitogen-activated protein kinase kinase 1'
2 non-polymer "ADENOSINE-5'-TRIPHOSPHATE"
3 non-polymer 'MAGNESIUM ION'
4 non-polymer 3-[(2R)-2,3-dihydroxypropyl]-6-fluoro-5-[(2-fluoro-4-iodophenyl)amino]-8-methylpyrido[2,3-d]pyrimidine-4,7(3H,8H)-dione
5 non-polymer 'ACETATE ION'
6 water water
#
_entity_poly.entity_id   1
_entity_poly.type   'polypeptide(L)'
_entity_poly.pdbx_seq_one_letter_code
;MELKDDDFEKISELGAGNGGVVFKVSHKPSGLVMARKLIHLEIKPAIRNQIIRELQVLHECNSPYIVGFYGAFYSDGEIS
ICMEHMDGGSLDQVLKKAGRIPEQILGKVSIAVIKGLTYLREKHKIMHRDVKPSNILVNSRGEIKLCDFGVSGQLIDSMA
NSFVGTRSYMSPERLQGTHYSVQSDIWSMGLSLVEMAVGRYPIPPPDAKELELMFGCQVEGDAAETPPRPRTPGRPLSSY
GMDSRPPMAIFELLDYIVNEPPPKLPSGVFSLEFQDFVNKCLIKNPAERADLKQLMVHAFIKRSDAEEVDFAGWLCSTIG
LNHHHHHH
;
_entity_poly.pdbx_strand_id   A
#
# COMPACT_ATOMS: atom_id res chain seq x y z
N MET A 1 -7.27 -4.39 26.45
CA MET A 1 -8.05 -5.65 26.63
C MET A 1 -7.93 -6.58 25.40
N GLU A 2 -8.16 -7.88 25.60
CA GLU A 2 -8.13 -8.89 24.55
C GLU A 2 -9.38 -8.73 23.71
N LEU A 3 -9.25 -8.85 22.39
CA LEU A 3 -10.41 -8.83 21.51
C LEU A 3 -10.92 -10.25 21.21
N LYS A 4 -12.24 -10.40 21.14
CA LYS A 4 -12.88 -11.68 20.78
C LYS A 4 -14.14 -11.50 19.94
N ASP A 5 -14.51 -12.52 19.16
CA ASP A 5 -15.59 -12.44 18.15
C ASP A 5 -16.94 -11.92 18.67
N ASP A 6 -17.35 -12.32 19.86
CA ASP A 6 -18.67 -11.94 20.34
C ASP A 6 -18.73 -10.50 20.87
N ASP A 7 -17.57 -9.91 21.08
CA ASP A 7 -17.49 -8.52 21.50
C ASP A 7 -17.61 -7.51 20.33
N PHE A 8 -17.80 -8.02 19.11
CA PHE A 8 -17.95 -7.20 17.89
C PHE A 8 -19.36 -7.18 17.31
N GLU A 9 -19.60 -6.18 16.47
CA GLU A 9 -20.88 -6.02 15.78
C GLU A 9 -20.69 -5.29 14.44
N LYS A 10 -21.06 -5.96 13.34
CA LYS A 10 -20.88 -5.42 12.00
C LYS A 10 -21.64 -4.11 11.81
N ILE A 11 -20.99 -3.13 11.20
CA ILE A 11 -21.66 -1.89 10.80
C ILE A 11 -21.89 -1.89 9.29
N SER A 12 -20.82 -2.14 8.53
CA SER A 12 -20.85 -2.15 7.08
C SER A 12 -19.61 -2.87 6.56
N GLU A 13 -19.55 -3.09 5.25
CA GLU A 13 -18.40 -3.72 4.64
C GLU A 13 -17.57 -2.66 3.90
N LEU A 14 -16.26 -2.64 4.16
CA LEU A 14 -15.39 -1.60 3.60
C LEU A 14 -14.79 -1.99 2.27
N GLY A 15 -14.81 -3.28 1.96
CA GLY A 15 -14.32 -3.80 0.71
C GLY A 15 -13.68 -5.16 0.91
N ALA A 16 -13.28 -5.78 -0.21
CA ALA A 16 -12.59 -7.07 -0.22
C ALA A 16 -11.52 -7.10 -1.29
N GLY A 17 -10.54 -7.98 -1.12
CA GLY A 17 -9.50 -8.19 -2.11
C GLY A 17 -9.38 -9.66 -2.47
N ASN A 18 -8.14 -10.11 -2.67
CA ASN A 18 -7.86 -11.52 -2.84
C ASN A 18 -7.52 -12.16 -1.51
N GLY A 19 -8.44 -12.99 -1.02
CA GLY A 19 -8.20 -13.76 0.20
C GLY A 19 -8.55 -13.11 1.52
N GLY A 20 -9.07 -11.86 1.47
CA GLY A 20 -9.52 -11.13 2.67
C GLY A 20 -10.70 -10.20 2.49
N VAL A 21 -11.57 -10.15 3.49
CA VAL A 21 -12.67 -9.16 3.49
C VAL A 21 -12.59 -8.27 4.74
N VAL A 22 -12.97 -7.01 4.57
CA VAL A 22 -12.81 -6.03 5.62
C VAL A 22 -14.14 -5.38 5.97
N PHE A 23 -14.49 -5.49 7.25
CA PHE A 23 -15.69 -4.88 7.79
C PHE A 23 -15.37 -3.65 8.65
N LYS A 24 -16.26 -2.66 8.61
CA LYS A 24 -16.30 -1.61 9.60
C LYS A 24 -17.14 -2.15 10.73
N VAL A 25 -16.56 -2.20 11.93
CA VAL A 25 -17.25 -2.81 13.06
C VAL A 25 -17.20 -1.98 14.31
N SER A 26 -18.14 -2.23 15.20
CA SER A 26 -18.12 -1.65 16.52
C SER A 26 -17.65 -2.72 17.50
N HIS A 27 -16.62 -2.38 18.26
CA HIS A 27 -16.14 -3.21 19.35
C HIS A 27 -16.95 -2.79 20.58
N LYS A 28 -17.95 -3.60 20.93
CA LYS A 28 -18.94 -3.20 21.94
C LYS A 28 -18.36 -2.79 23.29
N PRO A 29 -17.39 -3.53 23.83
CA PRO A 29 -17.01 -3.10 25.18
C PRO A 29 -16.31 -1.74 25.26
N SER A 30 -15.57 -1.37 24.22
CA SER A 30 -14.86 -0.10 24.23
C SER A 30 -15.67 1.01 23.55
N GLY A 31 -16.57 0.63 22.64
CA GLY A 31 -17.33 1.58 21.85
C GLY A 31 -16.55 2.08 20.64
N LEU A 32 -15.30 1.63 20.49
CA LEU A 32 -14.47 2.07 19.40
C LEU A 32 -14.94 1.51 18.07
N VAL A 33 -14.82 2.33 17.01
CA VAL A 33 -15.03 1.83 15.66
C VAL A 33 -13.70 1.27 15.11
N MET A 34 -13.74 0.07 14.54
CA MET A 34 -12.53 -0.56 13.99
C MET A 34 -12.80 -1.14 12.63
N ALA A 35 -11.70 -1.50 11.96
CA ALA A 35 -11.75 -2.17 10.66
C ALA A 35 -11.31 -3.57 10.97
N ARG A 36 -12.22 -4.53 10.82
CA ARG A 36 -11.89 -5.93 11.07
C ARG A 36 -11.71 -6.64 9.75
N LYS A 37 -10.48 -7.10 9.50
CA LYS A 37 -10.15 -7.87 8.29
C LYS A 37 -10.25 -9.35 8.58
N LEU A 38 -11.02 -10.06 7.76
CA LEU A 38 -11.09 -11.52 7.87
C LEU A 38 -10.34 -12.23 6.74
N ILE A 39 -9.45 -13.14 7.11
CA ILE A 39 -8.79 -13.99 6.15
C ILE A 39 -9.30 -15.40 6.33
N HIS A 40 -10.06 -15.89 5.35
CA HIS A 40 -10.58 -17.25 5.43
C HIS A 40 -9.46 -18.25 5.21
N LEU A 41 -9.00 -18.87 6.29
CA LEU A 41 -8.10 -20.00 6.16
C LEU A 41 -8.59 -21.21 6.91
N GLU A 42 -8.61 -22.32 6.18
CA GLU A 42 -8.76 -23.63 6.79
C GLU A 42 -7.38 -24.23 6.72
N ILE A 43 -6.78 -24.41 7.89
CA ILE A 43 -5.41 -24.85 8.01
C ILE A 43 -5.25 -25.45 9.40
N LYS A 44 -4.27 -26.33 9.59
CA LYS A 44 -4.17 -27.09 10.85
C LYS A 44 -4.02 -26.15 12.04
N PRO A 45 -4.76 -26.41 13.14
CA PRO A 45 -4.68 -25.58 14.36
C PRO A 45 -3.25 -25.22 14.78
N ALA A 46 -2.32 -26.17 14.61
CA ALA A 46 -0.93 -26.01 15.05
C ALA A 46 -0.27 -24.77 14.46
N ILE A 47 -0.45 -24.58 13.16
CA ILE A 47 0.17 -23.46 12.48
C ILE A 47 -0.68 -22.18 12.55
N ARG A 48 -2.00 -22.32 12.66
CA ARG A 48 -2.83 -21.13 12.78
C ARG A 48 -2.72 -20.49 14.17
N ASN A 49 -2.15 -21.25 15.11
CA ASN A 49 -1.76 -20.70 16.39
C ASN A 49 -0.48 -19.91 16.22
N GLN A 50 0.40 -20.44 15.37
CA GLN A 50 1.67 -19.79 15.05
C GLN A 50 1.44 -18.45 14.37
N ILE A 51 0.42 -18.41 13.50
CA ILE A 51 0.07 -17.19 12.80
C ILE A 51 -0.40 -16.13 13.78
N ILE A 52 -1.34 -16.49 14.65
CA ILE A 52 -1.83 -15.53 15.64
C ILE A 52 -0.67 -15.08 16.54
N ARG A 53 0.23 -16.02 16.84
CA ARG A 53 1.41 -15.76 17.65
C ARG A 53 2.32 -14.74 16.97
N GLU A 54 2.67 -15.00 15.71
CA GLU A 54 3.49 -14.09 14.91
C GLU A 54 2.85 -12.72 14.68
N LEU A 55 1.52 -12.68 14.62
CA LEU A 55 0.80 -11.40 14.38
C LEU A 55 0.82 -10.44 15.55
N GLN A 56 1.14 -10.93 16.74
CA GLN A 56 1.13 -10.10 17.95
C GLN A 56 2.25 -9.05 17.98
N VAL A 57 3.18 -9.13 17.04
CA VAL A 57 4.22 -8.11 16.96
C VAL A 57 3.67 -6.75 16.49
N LEU A 58 2.47 -6.75 15.95
CA LEU A 58 1.84 -5.51 15.49
C LEU A 58 1.44 -4.61 16.67
N HIS A 59 1.51 -5.14 17.89
CA HIS A 59 1.29 -4.38 19.14
C HIS A 59 2.50 -3.47 19.40
N GLU A 60 3.65 -3.87 18.85
CA GLU A 60 4.88 -3.10 18.94
C GLU A 60 5.03 -2.09 17.81
N CYS A 61 4.13 -2.16 16.82
CA CYS A 61 4.12 -1.18 15.73
C CYS A 61 3.37 0.06 16.18
N ASN A 62 4.13 1.08 16.58
CA ASN A 62 3.58 2.39 16.92
C ASN A 62 4.30 3.37 16.00
N SER A 63 3.57 3.95 15.07
CA SER A 63 4.14 4.91 14.14
C SER A 63 3.03 5.70 13.49
N PRO A 64 3.23 7.01 13.28
CA PRO A 64 2.21 7.82 12.62
C PRO A 64 2.04 7.51 11.12
N TYR A 65 2.88 6.62 10.60
CA TYR A 65 2.84 6.24 9.19
C TYR A 65 2.38 4.77 8.98
N ILE A 66 1.94 4.15 10.06
CA ILE A 66 1.50 2.77 10.03
C ILE A 66 0.14 2.77 10.68
N VAL A 67 -0.81 2.05 10.05
CA VAL A 67 -2.15 1.87 10.61
C VAL A 67 -2.08 1.24 12.00
N GLY A 68 -2.86 1.80 12.91
CA GLY A 68 -2.94 1.30 14.27
C GLY A 68 -3.49 -0.10 14.27
N PHE A 69 -3.07 -0.87 15.25
CA PHE A 69 -3.47 -2.25 15.41
C PHE A 69 -4.11 -2.40 16.77
N TYR A 70 -5.25 -3.09 16.79
CA TYR A 70 -5.93 -3.37 18.04
C TYR A 70 -5.78 -4.80 18.55
N GLY A 71 -5.66 -5.77 17.66
CA GLY A 71 -5.43 -7.18 18.07
C GLY A 71 -5.76 -8.24 17.02
N ALA A 72 -5.32 -9.48 17.27
CA ALA A 72 -5.56 -10.56 16.31
C ALA A 72 -6.00 -11.83 17.01
N PHE A 73 -6.98 -12.51 16.41
CA PHE A 73 -7.53 -13.75 16.97
C PHE A 73 -8.07 -14.66 15.85
N TYR A 74 -8.53 -15.86 16.24
CA TYR A 74 -9.11 -16.82 15.29
C TYR A 74 -10.57 -17.16 15.65
N SER A 75 -11.44 -17.25 14.65
CA SER A 75 -12.85 -17.43 14.90
C SER A 75 -13.43 -18.65 14.18
N ASP A 76 -14.55 -18.48 13.49
CA ASP A 76 -15.22 -19.60 12.83
C ASP A 76 -14.58 -19.82 11.46
N GLY A 77 -13.36 -20.38 11.47
CA GLY A 77 -12.61 -20.57 10.23
C GLY A 77 -11.88 -19.35 9.69
N GLU A 78 -11.86 -18.25 10.46
CA GLU A 78 -11.26 -17.00 10.00
C GLU A 78 -10.23 -16.33 10.94
N ILE A 79 -9.10 -15.92 10.38
CA ILE A 79 -8.13 -15.09 11.09
C ILE A 79 -8.65 -13.66 11.11
N SER A 80 -8.81 -13.08 12.29
CA SER A 80 -9.25 -11.69 12.40
C SER A 80 -8.07 -10.79 12.72
N ILE A 81 -7.95 -9.71 11.94
CA ILE A 81 -6.99 -8.65 12.24
C ILE A 81 -7.76 -7.35 12.36
N CYS A 82 -7.68 -6.73 13.54
CA CYS A 82 -8.43 -5.54 13.85
C CYS A 82 -7.54 -4.32 13.90
N MET A 83 -7.80 -3.41 12.96
CA MET A 83 -7.07 -2.18 12.81
C MET A 83 -7.94 -0.97 13.12
N GLU A 84 -7.24 0.14 13.26
CA GLU A 84 -7.81 1.47 13.16
C GLU A 84 -8.61 1.62 11.86
N HIS A 85 -9.77 2.24 11.98
CA HIS A 85 -10.63 2.53 10.84
C HIS A 85 -10.19 3.85 10.23
N MET A 86 -9.73 3.81 8.98
CA MET A 86 -9.30 5.03 8.31
C MET A 86 -10.44 5.53 7.43
N ASP A 87 -11.04 6.64 7.84
CA ASP A 87 -12.33 7.07 7.30
C ASP A 87 -12.27 7.65 5.89
N GLY A 88 -11.05 7.88 5.40
CA GLY A 88 -10.82 8.34 4.03
C GLY A 88 -10.49 7.20 3.08
N GLY A 89 -10.44 5.98 3.60
CA GLY A 89 -10.18 4.80 2.80
C GLY A 89 -8.78 4.73 2.24
N SER A 90 -8.63 3.98 1.14
CA SER A 90 -7.32 3.76 0.54
C SER A 90 -7.12 4.69 -0.64
N LEU A 91 -5.86 4.81 -1.05
CA LEU A 91 -5.51 5.66 -2.15
C LEU A 91 -6.02 5.16 -3.49
N ASP A 92 -6.23 3.85 -3.64
CA ASP A 92 -6.89 3.35 -4.85
C ASP A 92 -8.38 3.79 -4.94
N GLN A 93 -9.04 3.85 -3.79
CA GLN A 93 -10.40 4.37 -3.71
C GLN A 93 -10.45 5.88 -3.94
N VAL A 94 -9.45 6.57 -3.42
CA VAL A 94 -9.33 8.01 -3.60
C VAL A 94 -9.02 8.36 -5.05
N LEU A 95 -8.13 7.61 -5.69
CA LEU A 95 -7.82 7.80 -7.10
C LEU A 95 -9.05 7.53 -7.96
N LYS A 96 -9.83 6.54 -7.54
CA LYS A 96 -11.06 6.17 -8.23
C LYS A 96 -11.99 7.37 -8.35
N LYS A 97 -12.25 8.04 -7.23
CA LYS A 97 -13.08 9.24 -7.23
C LYS A 97 -12.39 10.47 -7.82
N ALA A 98 -11.14 10.69 -7.44
CA ALA A 98 -10.35 11.87 -7.83
C ALA A 98 -9.92 11.88 -9.29
N GLY A 99 -9.98 10.71 -9.92
CA GLY A 99 -9.56 10.58 -11.30
C GLY A 99 -8.06 10.57 -11.52
N ARG A 100 -7.35 11.46 -10.80
CA ARG A 100 -5.91 11.70 -10.98
C ARG A 100 -5.46 12.55 -9.80
N ILE A 101 -4.30 12.23 -9.22
CA ILE A 101 -3.92 12.86 -7.96
C ILE A 101 -2.78 13.85 -8.18
N PRO A 102 -2.96 15.10 -7.68
CA PRO A 102 -1.98 16.17 -7.90
C PRO A 102 -0.58 15.83 -7.38
N GLU A 103 0.42 16.44 -8.02
CA GLU A 103 1.82 16.20 -7.70
C GLU A 103 2.20 16.61 -6.28
N GLN A 104 1.70 17.75 -5.84
CA GLN A 104 1.99 18.24 -4.51
C GLN A 104 1.52 17.27 -3.43
N ILE A 105 0.31 16.75 -3.62
CA ILE A 105 -0.29 15.73 -2.76
C ILE A 105 0.51 14.41 -2.82
N LEU A 106 0.88 13.98 -4.01
CA LEU A 106 1.73 12.79 -4.14
C LEU A 106 3.05 12.95 -3.41
N GLY A 107 3.51 14.20 -3.30
CA GLY A 107 4.74 14.52 -2.58
C GLY A 107 4.60 14.15 -1.12
N LYS A 108 3.46 14.50 -0.53
CA LYS A 108 3.19 14.15 0.86
C LYS A 108 2.99 12.65 1.00
N VAL A 109 2.38 12.02 -0.01
CA VAL A 109 2.22 10.57 -0.01
C VAL A 109 3.57 9.85 -0.01
N SER A 110 4.49 10.33 -0.84
CA SER A 110 5.82 9.73 -0.89
C SER A 110 6.54 9.83 0.45
N ILE A 111 6.43 10.98 1.12
CA ILE A 111 7.07 11.17 2.41
C ILE A 111 6.56 10.12 3.38
N ALA A 112 5.23 10.01 3.47
CA ALA A 112 4.62 9.04 4.37
C ALA A 112 5.02 7.59 4.05
N VAL A 113 5.10 7.25 2.77
CA VAL A 113 5.46 5.90 2.39
C VAL A 113 6.92 5.65 2.72
N ILE A 114 7.77 6.63 2.45
CA ILE A 114 9.19 6.45 2.69
C ILE A 114 9.47 6.30 4.17
N LYS A 115 8.92 7.18 4.99
CA LYS A 115 9.14 7.12 6.43
C LYS A 115 8.52 5.85 7.00
N GLY A 116 7.40 5.42 6.39
CA GLY A 116 6.72 4.19 6.78
C GLY A 116 7.59 2.96 6.57
N LEU A 117 8.15 2.81 5.38
CA LEU A 117 9.02 1.69 5.11
C LEU A 117 10.27 1.74 6.00
N THR A 118 10.74 2.95 6.24
CA THR A 118 11.89 3.20 7.10
C THR A 118 11.61 2.69 8.50
N TYR A 119 10.48 3.07 9.08
CA TYR A 119 10.15 2.57 10.40
C TYR A 119 10.16 1.04 10.44
N LEU A 120 9.52 0.41 9.45
CA LEU A 120 9.39 -1.04 9.43
C LEU A 120 10.74 -1.74 9.35
N ARG A 121 11.64 -1.21 8.53
CA ARG A 121 12.98 -1.78 8.46
C ARG A 121 13.76 -1.53 9.74
N GLU A 122 13.75 -0.28 10.22
CA GLU A 122 14.55 0.14 11.37
C GLU A 122 14.11 -0.59 12.62
N LYS A 123 12.85 -0.43 12.97
CA LYS A 123 12.38 -0.88 14.25
C LYS A 123 11.91 -2.33 14.28
N HIS A 124 11.84 -2.98 13.10
CA HIS A 124 11.28 -4.32 13.01
C HIS A 124 11.97 -5.29 12.05
N LYS A 125 12.94 -4.80 11.29
CA LYS A 125 13.74 -5.63 10.40
C LYS A 125 12.87 -6.33 9.35
N ILE A 126 11.86 -5.64 8.85
CA ILE A 126 11.00 -6.20 7.81
C ILE A 126 10.71 -5.26 6.64
N MET A 127 10.55 -5.87 5.47
CA MET A 127 10.11 -5.18 4.28
C MET A 127 8.60 -5.25 4.23
N HIS A 128 7.98 -4.44 3.38
CA HIS A 128 6.53 -4.42 3.28
C HIS A 128 5.96 -5.64 2.51
N ARG A 129 6.36 -5.79 1.25
CA ARG A 129 5.98 -6.93 0.38
C ARG A 129 4.73 -6.72 -0.45
N ASP A 130 3.95 -5.69 -0.14
CA ASP A 130 2.73 -5.42 -0.89
C ASP A 130 2.36 -3.92 -0.90
N VAL A 131 3.29 -3.08 -1.34
CA VAL A 131 3.06 -1.66 -1.47
C VAL A 131 2.29 -1.44 -2.77
N LYS A 132 1.10 -0.87 -2.63
CA LYS A 132 0.27 -0.47 -3.76
C LYS A 132 -0.80 0.48 -3.19
N PRO A 133 -1.46 1.28 -4.05
CA PRO A 133 -2.45 2.25 -3.55
C PRO A 133 -3.56 1.72 -2.62
N SER A 134 -3.98 0.48 -2.75
CA SER A 134 -5.01 -0.05 -1.86
C SER A 134 -4.45 -0.31 -0.45
N ASN A 135 -3.12 -0.26 -0.33
CA ASN A 135 -2.45 -0.52 0.94
C ASN A 135 -1.83 0.74 1.58
N ILE A 136 -2.22 1.88 1.04
CA ILE A 136 -1.91 3.16 1.65
C ILE A 136 -3.23 3.81 2.01
N LEU A 137 -3.51 3.87 3.29
CA LEU A 137 -4.78 4.39 3.77
C LEU A 137 -4.60 5.80 4.28
N VAL A 138 -5.65 6.61 4.15
CA VAL A 138 -5.62 8.01 4.51
C VAL A 138 -6.89 8.28 5.32
N ASN A 139 -6.90 9.35 6.12
CA ASN A 139 -8.06 9.73 6.92
C ASN A 139 -8.26 11.23 7.07
N SER A 140 -9.41 11.62 7.60
CA SER A 140 -9.80 13.04 7.66
C SER A 140 -8.94 13.92 8.59
N ARG A 141 -8.02 13.32 9.33
CA ARG A 141 -7.05 14.09 10.11
C ARG A 141 -5.86 14.48 9.23
N GLY A 142 -5.83 13.96 7.99
CA GLY A 142 -4.71 14.22 7.08
C GLY A 142 -3.54 13.24 7.17
N GLU A 143 -3.76 12.09 7.79
CA GLU A 143 -2.68 11.15 8.00
C GLU A 143 -2.63 10.12 6.89
N ILE A 144 -1.41 9.75 6.51
CA ILE A 144 -1.22 8.81 5.43
C ILE A 144 -0.46 7.63 6.00
N LYS A 145 -1.04 6.43 5.88
CA LYS A 145 -0.55 5.30 6.62
C LYS A 145 -0.51 4.05 5.79
N LEU A 146 0.52 3.23 6.01
CA LEU A 146 0.67 1.93 5.36
C LEU A 146 -0.04 0.82 6.14
N CYS A 147 -0.58 -0.17 5.45
CA CYS A 147 -1.00 -1.40 6.12
C CYS A 147 -0.72 -2.62 5.22
N ASP A 148 -1.20 -3.79 5.65
CA ASP A 148 -1.03 -5.04 4.89
C ASP A 148 0.43 -5.42 4.58
N PHE A 149 1.35 -5.03 5.45
CA PHE A 149 2.76 -5.44 5.29
C PHE A 149 2.95 -6.84 5.91
N GLY A 150 4.02 -7.53 5.56
CA GLY A 150 4.11 -8.92 5.92
C GLY A 150 4.85 -9.13 7.21
N VAL A 151 4.11 -9.22 8.33
CA VAL A 151 4.75 -9.45 9.64
C VAL A 151 4.90 -10.91 9.97
N SER A 152 4.09 -11.76 9.35
CA SER A 152 4.10 -13.17 9.71
C SER A 152 4.58 -14.07 8.60
N GLY A 153 5.69 -14.77 8.84
CA GLY A 153 6.22 -15.72 7.87
C GLY A 153 5.23 -16.81 7.50
N GLN A 154 4.56 -17.38 8.51
CA GLN A 154 3.65 -18.48 8.25
C GLN A 154 2.43 -18.03 7.43
N LEU A 155 2.04 -16.78 7.60
CA LEU A 155 0.93 -16.24 6.83
C LEU A 155 1.34 -16.08 5.39
N ILE A 156 2.48 -15.43 5.15
CA ILE A 156 3.04 -15.31 3.82
C ILE A 156 3.02 -16.68 3.13
N ASP A 157 3.53 -17.70 3.82
CA ASP A 157 3.58 -19.06 3.29
C ASP A 157 2.19 -19.61 2.96
N SER A 158 1.25 -19.42 3.88
CA SER A 158 -0.08 -19.99 3.72
C SER A 158 -0.93 -19.27 2.68
N MET A 159 -0.40 -18.23 2.08
CA MET A 159 -1.16 -17.46 1.11
C MET A 159 -0.56 -17.48 -0.30
N ALA A 160 0.52 -18.24 -0.46
CA ALA A 160 1.35 -18.20 -1.67
C ALA A 160 0.60 -18.65 -2.92
N ASN A 161 -0.43 -19.44 -2.72
CA ASN A 161 -1.21 -20.04 -3.82
C ASN A 161 -2.02 -19.06 -4.69
N SER A 162 -2.74 -18.14 -4.05
CA SER A 162 -3.49 -17.08 -4.74
C SER A 162 -2.56 -15.98 -5.27
N PHE A 163 -3.17 -14.86 -5.70
CA PHE A 163 -2.50 -13.59 -6.09
C PHE A 163 -3.31 -12.91 -7.20
N VAL A 164 -2.81 -11.80 -7.73
CA VAL A 164 -3.56 -11.02 -8.71
C VAL A 164 -3.16 -11.38 -10.15
N GLY A 165 -4.13 -11.95 -10.88
CA GLY A 165 -3.96 -12.33 -12.28
C GLY A 165 -4.09 -11.19 -13.28
N THR A 166 -3.92 -9.97 -12.78
CA THR A 166 -3.71 -8.80 -13.62
C THR A 166 -2.82 -7.84 -12.80
N ARG A 167 -2.71 -6.59 -13.23
CA ARG A 167 -1.99 -5.53 -12.51
C ARG A 167 -1.06 -6.00 -11.39
N SER A 168 0.23 -6.07 -11.70
CA SER A 168 1.24 -6.41 -10.72
C SER A 168 1.99 -5.16 -10.32
N TYR A 169 2.24 -4.97 -9.02
CA TYR A 169 3.16 -3.93 -8.57
C TYR A 169 4.48 -4.56 -8.11
N MET A 170 4.65 -5.84 -8.44
CA MET A 170 5.85 -6.58 -8.08
C MET A 170 7.06 -6.14 -8.91
N SER A 171 8.20 -6.04 -8.25
CA SER A 171 9.44 -5.68 -8.93
C SER A 171 9.83 -6.79 -9.91
N PRO A 172 10.61 -6.44 -10.96
CA PRO A 172 11.16 -7.40 -11.91
C PRO A 172 11.91 -8.56 -11.23
N GLU A 173 12.64 -8.28 -10.14
CA GLU A 173 13.44 -9.34 -9.50
C GLU A 173 12.55 -10.34 -8.73
N ARG A 174 11.51 -9.81 -8.10
CA ARG A 174 10.55 -10.66 -7.40
C ARG A 174 9.81 -11.58 -8.38
N LEU A 175 9.40 -11.03 -9.52
CA LEU A 175 8.77 -11.82 -10.56
C LEU A 175 9.66 -12.94 -11.09
N GLN A 176 10.98 -12.71 -11.11
CA GLN A 176 11.92 -13.63 -11.74
C GLN A 176 12.48 -14.70 -10.82
N GLY A 177 12.30 -14.57 -9.51
CA GLY A 177 12.94 -15.48 -8.54
C GLY A 177 12.75 -15.12 -7.08
N THR A 178 13.39 -15.86 -6.19
CA THR A 178 13.27 -15.63 -4.73
C THR A 178 14.28 -14.60 -4.18
N HIS A 179 15.17 -14.13 -5.03
CA HIS A 179 16.22 -13.17 -4.67
C HIS A 179 15.72 -11.73 -4.66
N TYR A 180 14.98 -11.36 -3.61
CA TYR A 180 14.56 -9.96 -3.46
C TYR A 180 14.48 -9.56 -2.00
N SER A 181 14.39 -8.26 -1.72
CA SER A 181 14.31 -7.77 -0.36
C SER A 181 13.76 -6.36 -0.39
N VAL A 182 14.22 -5.50 0.53
CA VAL A 182 13.63 -4.15 0.72
C VAL A 182 13.56 -3.33 -0.56
N GLN A 183 14.49 -3.59 -1.48
CA GLN A 183 14.57 -2.80 -2.70
C GLN A 183 13.34 -3.02 -3.54
N SER A 184 12.75 -4.20 -3.40
CA SER A 184 11.56 -4.51 -4.16
C SER A 184 10.38 -3.60 -3.84
N ASP A 185 10.29 -3.15 -2.58
CA ASP A 185 9.28 -2.19 -2.14
C ASP A 185 9.42 -0.85 -2.84
N ILE A 186 10.67 -0.44 -3.10
CA ILE A 186 10.94 0.81 -3.83
C ILE A 186 10.30 0.76 -5.21
N TRP A 187 10.40 -0.37 -5.91
CA TRP A 187 9.77 -0.49 -7.22
C TRP A 187 8.26 -0.32 -7.13
N SER A 188 7.63 -0.93 -6.14
CA SER A 188 6.17 -0.86 -6.06
C SER A 188 5.73 0.56 -5.73
N MET A 189 6.46 1.23 -4.86
CA MET A 189 6.15 2.63 -4.55
C MET A 189 6.22 3.50 -5.80
N GLY A 190 7.28 3.32 -6.57
CA GLY A 190 7.47 4.04 -7.83
C GLY A 190 6.31 3.86 -8.76
N LEU A 191 5.92 2.60 -8.97
CA LEU A 191 4.80 2.26 -9.85
C LEU A 191 3.49 2.85 -9.34
N SER A 192 3.30 2.85 -8.02
CA SER A 192 2.05 3.33 -7.44
C SER A 192 1.91 4.81 -7.67
N LEU A 193 3.01 5.54 -7.49
CA LEU A 193 3.04 6.99 -7.74
C LEU A 193 2.73 7.33 -9.19
N VAL A 194 3.26 6.55 -10.13
CA VAL A 194 2.99 6.82 -11.53
C VAL A 194 1.50 6.62 -11.85
N GLU A 195 0.91 5.60 -11.24
CA GLU A 195 -0.50 5.28 -11.44
C GLU A 195 -1.35 6.42 -10.89
N MET A 196 -1.04 6.85 -9.68
CA MET A 196 -1.84 7.87 -9.03
C MET A 196 -1.71 9.20 -9.74
N ALA A 197 -0.53 9.42 -10.30
CA ALA A 197 -0.22 10.65 -11.00
C ALA A 197 -0.93 10.77 -12.33
N VAL A 198 -1.23 9.64 -12.97
CA VAL A 198 -1.70 9.62 -14.34
C VAL A 198 -3.16 9.16 -14.45
N GLY A 199 -3.58 8.36 -13.49
CA GLY A 199 -5.00 8.03 -13.34
C GLY A 199 -5.41 6.67 -13.84
N ARG A 200 -4.44 5.86 -14.23
CA ARG A 200 -4.67 4.45 -14.56
C ARG A 200 -3.36 3.67 -14.44
N TYR A 201 -3.48 2.38 -14.14
CA TYR A 201 -2.34 1.47 -14.10
C TYR A 201 -1.41 1.65 -15.33
N PRO A 202 -0.15 2.07 -15.09
CA PRO A 202 0.75 2.57 -16.11
C PRO A 202 1.40 1.55 -17.06
N ILE A 203 0.97 0.30 -17.01
CA ILE A 203 1.51 -0.69 -17.94
C ILE A 203 0.38 -1.32 -18.72
N PRO A 204 0.42 -1.22 -20.07
CA PRO A 204 1.44 -0.60 -20.92
C PRO A 204 1.34 0.93 -20.92
N PRO A 205 2.38 1.64 -21.41
CA PRO A 205 2.31 3.09 -21.41
C PRO A 205 1.29 3.60 -22.44
N PRO A 206 0.77 4.83 -22.22
CA PRO A 206 -0.19 5.38 -23.16
C PRO A 206 0.48 5.77 -24.48
N ASP A 207 -0.29 5.75 -25.56
CA ASP A 207 0.19 6.21 -26.87
C ASP A 207 0.50 7.71 -26.79
N ALA A 208 1.13 8.24 -27.84
CA ALA A 208 1.30 9.69 -27.98
C ALA A 208 -0.07 10.36 -27.96
N LYS A 209 -1.03 9.73 -28.64
CA LYS A 209 -2.38 10.26 -28.76
C LYS A 209 -3.22 10.11 -27.49
N GLU A 210 -3.03 8.98 -26.79
CA GLU A 210 -3.74 8.76 -25.54
C GLU A 210 -3.30 9.76 -24.48
N LEU A 211 -2.04 10.19 -24.58
CA LEU A 211 -1.45 11.16 -23.67
C LEU A 211 -2.09 12.54 -23.74
N GLU A 212 -2.14 13.11 -24.95
CA GLU A 212 -2.71 14.43 -25.18
C GLU A 212 -4.19 14.48 -24.82
N LEU A 213 -4.88 13.36 -24.98
CA LEU A 213 -6.27 13.21 -24.57
C LEU A 213 -6.39 13.22 -23.04
N MET A 214 -5.47 12.53 -22.36
CA MET A 214 -5.43 12.51 -20.90
C MET A 214 -5.24 13.93 -20.33
N PHE A 215 -4.35 14.68 -20.97
CA PHE A 215 -3.99 16.03 -20.52
C PHE A 215 -4.32 17.09 -21.56
N PRO A 247 -7.73 -4.86 -22.53
CA PRO A 247 -7.10 -5.62 -21.44
C PRO A 247 -5.88 -6.47 -21.89
N MET A 248 -4.99 -6.78 -20.94
CA MET A 248 -3.78 -7.58 -21.22
C MET A 248 -3.79 -8.97 -20.59
N ALA A 249 -3.06 -9.91 -21.21
CA ALA A 249 -2.94 -11.29 -20.70
C ALA A 249 -1.77 -11.42 -19.72
N ILE A 250 -1.81 -12.44 -18.85
CA ILE A 250 -0.92 -12.49 -17.67
C ILE A 250 0.56 -12.47 -18.02
N PHE A 251 0.98 -13.38 -18.90
CA PHE A 251 2.36 -13.44 -19.33
C PHE A 251 2.78 -12.15 -20.05
N GLU A 252 1.89 -11.65 -20.90
CA GLU A 252 2.10 -10.39 -21.63
C GLU A 252 2.43 -9.24 -20.68
N LEU A 253 1.66 -9.09 -19.63
CA LEU A 253 1.87 -8.03 -18.68
C LEU A 253 3.19 -8.22 -17.95
N LEU A 254 3.42 -9.45 -17.46
CA LEU A 254 4.60 -9.75 -16.67
C LEU A 254 5.85 -9.61 -17.52
N ASP A 255 5.79 -10.11 -18.76
CA ASP A 255 6.89 -9.98 -19.70
C ASP A 255 7.21 -8.52 -19.93
N TYR A 256 6.17 -7.69 -20.00
CA TYR A 256 6.39 -6.24 -20.11
C TYR A 256 7.17 -5.70 -18.91
N ILE A 257 6.80 -6.07 -17.68
CA ILE A 257 7.53 -5.60 -16.49
C ILE A 257 9.00 -6.01 -16.54
N VAL A 258 9.26 -7.26 -16.94
CA VAL A 258 10.59 -7.83 -16.88
C VAL A 258 11.52 -7.29 -17.98
N ASN A 259 11.07 -7.33 -19.23
CA ASN A 259 11.99 -7.09 -20.35
C ASN A 259 11.96 -5.70 -21.00
N GLU A 260 10.78 -5.10 -21.09
CA GLU A 260 10.61 -3.80 -21.76
C GLU A 260 10.88 -2.61 -20.82
N PRO A 261 11.36 -1.46 -21.37
CA PRO A 261 11.84 -0.41 -20.48
C PRO A 261 10.74 0.05 -19.51
N PRO A 262 11.13 0.43 -18.27
CA PRO A 262 10.17 0.85 -17.23
C PRO A 262 9.33 2.07 -17.64
N PRO A 263 8.13 2.21 -17.06
CA PRO A 263 7.27 3.39 -17.29
C PRO A 263 7.86 4.66 -16.69
N LYS A 264 7.42 5.81 -17.21
CA LYS A 264 7.94 7.11 -16.79
C LYS A 264 6.84 8.16 -16.83
N LEU A 265 7.04 9.26 -16.13
CA LEU A 265 6.09 10.35 -16.15
C LEU A 265 6.18 11.07 -17.49
N PRO A 266 5.02 11.35 -18.11
CA PRO A 266 4.97 12.23 -19.27
C PRO A 266 5.72 13.52 -19.02
N SER A 267 6.45 13.96 -20.03
CA SER A 267 7.33 15.13 -19.90
C SER A 267 6.54 16.43 -19.89
N GLY A 268 7.06 17.43 -19.17
CA GLY A 268 6.47 18.77 -19.18
C GLY A 268 5.44 19.05 -18.10
N VAL A 269 4.44 18.17 -18.00
CA VAL A 269 3.32 18.41 -17.07
C VAL A 269 3.56 17.93 -15.60
N PHE A 270 4.71 17.27 -15.36
CA PHE A 270 5.23 17.07 -14.00
C PHE A 270 6.63 17.65 -13.88
N SER A 271 6.91 18.29 -12.75
CA SER A 271 8.24 18.78 -12.43
C SER A 271 9.31 17.71 -12.68
N LEU A 272 10.51 18.15 -13.05
CA LEU A 272 11.62 17.24 -13.34
C LEU A 272 12.18 16.56 -12.09
N GLU A 273 11.91 17.15 -10.92
CA GLU A 273 12.29 16.55 -9.64
C GLU A 273 11.47 15.27 -9.42
N PHE A 274 10.17 15.36 -9.73
CA PHE A 274 9.25 14.27 -9.60
C PHE A 274 9.51 13.18 -10.64
N GLN A 275 9.77 13.59 -11.88
CA GLN A 275 10.18 12.65 -12.91
C GLN A 275 11.45 11.91 -12.50
N ASP A 276 12.45 12.64 -12.04
CA ASP A 276 13.69 12.01 -11.62
C ASP A 276 13.41 11.02 -10.49
N PHE A 277 12.57 11.45 -9.53
CA PHE A 277 12.22 10.63 -8.37
C PHE A 277 11.68 9.25 -8.79
N VAL A 278 10.65 9.25 -9.62
CA VAL A 278 10.13 7.97 -10.08
C VAL A 278 11.16 7.19 -10.91
N ASN A 279 11.94 7.88 -11.73
CA ASN A 279 12.97 7.22 -12.53
C ASN A 279 13.97 6.44 -11.66
N LYS A 280 14.36 7.05 -10.54
CA LYS A 280 15.24 6.42 -9.56
C LYS A 280 14.57 5.23 -8.84
N CYS A 281 13.25 5.27 -8.72
CA CYS A 281 12.50 4.13 -8.15
C CYS A 281 12.35 3.00 -9.15
N LEU A 282 12.24 3.33 -10.43
CA LEU A 282 11.84 2.34 -11.44
C LEU A 282 13.00 1.76 -12.25
N ILE A 283 14.19 1.76 -11.66
CA ILE A 283 15.36 1.14 -12.28
C ILE A 283 15.29 -0.38 -12.11
N LYS A 284 15.37 -1.10 -13.21
CA LYS A 284 15.13 -2.56 -13.16
C LYS A 284 16.08 -3.31 -12.24
N ASN A 285 17.32 -2.86 -12.18
CA ASN A 285 18.32 -3.55 -11.39
C ASN A 285 18.24 -3.07 -9.95
N PRO A 286 17.93 -3.99 -9.03
CA PRO A 286 17.62 -3.64 -7.62
C PRO A 286 18.74 -2.92 -6.88
N ALA A 287 19.99 -3.17 -7.25
CA ALA A 287 21.13 -2.58 -6.57
C ALA A 287 21.44 -1.18 -7.11
N GLU A 288 21.32 -1.02 -8.44
CA GLU A 288 21.43 0.29 -9.09
C GLU A 288 20.32 1.22 -8.59
N ARG A 289 19.11 0.67 -8.45
CA ARG A 289 17.92 1.35 -7.95
C ARG A 289 18.13 2.10 -6.63
N ALA A 290 17.53 3.28 -6.53
CA ALA A 290 17.61 4.12 -5.34
C ALA A 290 17.10 3.37 -4.12
N ASP A 291 17.63 3.68 -2.95
CA ASP A 291 17.12 3.06 -1.73
C ASP A 291 16.48 4.11 -0.83
N LEU A 292 15.96 3.67 0.31
CA LEU A 292 15.23 4.56 1.18
C LEU A 292 16.05 5.74 1.63
N LYS A 293 17.30 5.48 2.03
CA LYS A 293 18.17 6.55 2.52
C LYS A 293 18.47 7.58 1.44
N GLN A 294 18.58 7.15 0.19
CA GLN A 294 18.81 8.07 -0.92
C GLN A 294 17.56 8.85 -1.27
N LEU A 295 16.40 8.20 -1.24
CA LEU A 295 15.14 8.84 -1.60
C LEU A 295 14.75 9.89 -0.56
N MET A 296 15.04 9.55 0.70
CA MET A 296 14.88 10.48 1.82
C MET A 296 15.48 11.88 1.55
N VAL A 297 16.56 11.94 0.78
CA VAL A 297 17.19 13.23 0.50
C VAL A 297 17.10 13.68 -0.98
N HIS A 298 16.17 13.11 -1.73
CA HIS A 298 15.96 13.48 -3.14
C HIS A 298 15.36 14.87 -3.21
N ALA A 299 15.76 15.65 -4.21
CA ALA A 299 15.24 17.00 -4.43
C ALA A 299 13.71 17.11 -4.34
N PHE A 300 13.01 16.10 -4.83
CA PHE A 300 11.56 16.04 -4.80
C PHE A 300 10.99 15.93 -3.37
N ILE A 301 11.63 15.12 -2.54
CA ILE A 301 11.23 14.99 -1.15
C ILE A 301 11.56 16.27 -0.41
N LYS A 302 12.76 16.79 -0.68
CA LYS A 302 13.22 18.04 -0.07
C LYS A 302 12.30 19.19 -0.44
N ARG A 303 11.93 19.29 -1.71
CA ARG A 303 10.93 20.28 -2.14
C ARG A 303 9.57 20.06 -1.45
N SER A 304 9.10 18.80 -1.44
CA SER A 304 7.80 18.42 -0.86
C SER A 304 7.70 18.55 0.66
N ASP A 305 8.80 18.32 1.37
CA ASP A 305 8.85 18.62 2.80
C ASP A 305 8.55 20.08 3.13
N ALA A 306 9.03 21.00 2.29
CA ALA A 306 8.81 22.44 2.50
C ALA A 306 7.38 22.87 2.21
N GLU A 307 6.80 22.32 1.14
CA GLU A 307 5.49 22.75 0.64
C GLU A 307 4.39 22.78 1.71
N GLU A 308 3.56 23.81 1.62
CA GLU A 308 2.39 23.97 2.49
C GLU A 308 1.15 23.41 1.79
N VAL A 309 0.69 22.26 2.28
CA VAL A 309 -0.38 21.53 1.63
C VAL A 309 -1.44 21.18 2.66
N ASP A 310 -2.69 21.55 2.37
CA ASP A 310 -3.82 21.13 3.19
C ASP A 310 -4.31 19.76 2.70
N PHE A 311 -3.51 18.73 2.94
CA PHE A 311 -3.90 17.38 2.55
C PHE A 311 -5.31 17.03 3.07
N ALA A 312 -5.48 17.10 4.39
CA ALA A 312 -6.77 16.85 5.04
C ALA A 312 -7.91 17.56 4.34
N GLY A 313 -7.64 18.79 3.90
CA GLY A 313 -8.64 19.62 3.25
C GLY A 313 -8.87 19.15 1.84
N TRP A 314 -7.81 18.76 1.15
CA TRP A 314 -7.94 18.28 -0.20
C TRP A 314 -8.72 16.98 -0.22
N LEU A 315 -8.38 16.10 0.72
CA LEU A 315 -9.07 14.84 0.85
C LEU A 315 -10.57 15.03 1.00
N CYS A 316 -10.98 15.77 2.01
CA CYS A 316 -12.40 15.94 2.31
C CYS A 316 -13.13 16.59 1.14
N SER A 317 -12.52 17.61 0.55
CA SER A 317 -13.10 18.34 -0.58
C SER A 317 -13.28 17.50 -1.84
N THR A 318 -12.46 16.46 -2.00
CA THR A 318 -12.56 15.56 -3.16
C THR A 318 -13.52 14.40 -2.92
N ILE A 319 -13.33 13.69 -1.81
CA ILE A 319 -14.16 12.51 -1.53
C ILE A 319 -15.43 12.79 -0.71
N GLY A 320 -15.58 14.03 -0.24
CA GLY A 320 -16.78 14.46 0.49
C GLY A 320 -16.87 14.01 1.95
N LEU A 321 -16.07 14.63 2.81
CA LEU A 321 -16.09 14.34 4.26
C LEU A 321 -16.20 15.59 5.13
N ASN A 322 -16.06 15.42 6.45
CA ASN A 322 -16.00 16.53 7.38
C ASN A 322 -15.06 16.27 8.56
#